data_6Y7Z
#
_entry.id   6Y7Z
#
_cell.length_a   80.732
_cell.length_b   102.700
_cell.length_c   103.733
_cell.angle_alpha   90.000
_cell.angle_beta   90.000
_cell.angle_gamma   90.000
#
_symmetry.space_group_name_H-M   'I 2 2 2'
#
loop_
_entity.id
_entity.type
_entity.pdbx_description
1 polymer 'Mitogen-activated protein kinase 14'
2 non-polymer 1-(1-adamantyl)-3-ethyl-guanidine
3 non-polymer 4-(4-FLUOROPHENYL)-1-(4-PIPERIDINYL)-5-(2-AMINO-4-PYRIMIDINYL)-IMIDAZOLE
4 non-polymer 'CALCIUM ION'
5 non-polymer 'CHLORIDE ION'
6 non-polymer 'SULFATE ION'
7 water water
#
_entity_poly.entity_id   1
_entity_poly.type   'polypeptide(L)'
_entity_poly.pdbx_seq_one_letter_code
;MSQERPTFYRQELNKTIWEVPERYQNLSPVGSGAYGSVCAAFDTKTGHRVAVKKLSRPFQSIIHAKRTYRELRLLKHMKH
ENVIGLLDVFTPARSLEEFNDVYLVTHLMGADLNNIVKCQKLTDDHVQFLIYQILRGLKYIHSADIIHRDLKPSNLAVNE
DSELKILDFGLARHTDDEMTGYVATRWYRAPEIMLNWMHYNQTVDIWSVGCIMAELLTGRTLFPGTDHIDQLKLILRLVG
TPGAELLKKISSESARNYIQSLAQMPKMNFANVFIGANPLAVDLLEKMLVLDSDKRITAAQALAHAYFAQYHDPDDEPVA
DPYDQSFESRDLLIDEWKSLTYDEVISFVPPPLDQEEMES
;
_entity_poly.pdbx_strand_id   A
#
loop_
_chem_comp.id
_chem_comp.type
_chem_comp.name
_chem_comp.formula
CA non-polymer 'CALCIUM ION' 'Ca 2'
CL non-polymer 'CHLORIDE ION' 'Cl -1'
OG2 non-polymer 1-(1-adamantyl)-3-ethyl-guanidine 'C13 H23 N3'
SB4 non-polymer 4-(4-FLUOROPHENYL)-1-(4-PIPERIDINYL)-5-(2-AMINO-4-PYRIMIDINYL)-IMIDAZOLE 'C18 H19 F N6'
SO4 non-polymer 'SULFATE ION' 'O4 S -2'
#
# COMPACT_ATOMS: atom_id res chain seq x y z
N ARG A 5 -6.14 -34.64 -5.38
CA ARG A 5 -5.94 -33.53 -6.31
C ARG A 5 -7.25 -32.79 -6.60
N PRO A 6 -7.22 -31.47 -6.56
CA PRO A 6 -8.44 -30.69 -6.77
C PRO A 6 -8.84 -30.62 -8.24
N THR A 7 -10.15 -30.53 -8.46
CA THR A 7 -10.70 -30.39 -9.80
C THR A 7 -10.82 -28.92 -10.16
N PHE A 8 -10.37 -28.56 -11.35
CA PHE A 8 -10.42 -27.18 -11.81
C PHE A 8 -11.54 -26.99 -12.83
N TYR A 9 -11.98 -25.75 -12.98
CA TYR A 9 -12.89 -25.38 -14.05
C TYR A 9 -12.39 -24.10 -14.69
N ARG A 10 -12.89 -23.83 -15.90
CA ARG A 10 -12.47 -22.68 -16.68
C ARG A 10 -13.64 -21.70 -16.81
N GLN A 11 -13.32 -20.41 -16.77
CA GLN A 11 -14.31 -19.37 -16.94
C GLN A 11 -13.64 -18.17 -17.57
N GLU A 12 -14.27 -17.57 -18.58
CA GLU A 12 -13.73 -16.38 -19.20
C GLU A 12 -14.11 -15.16 -18.35
N LEU A 13 -13.10 -14.46 -17.85
CA LEU A 13 -13.29 -13.27 -17.04
C LEU A 13 -12.29 -12.24 -17.53
N ASN A 14 -12.75 -11.00 -17.71
CA ASN A 14 -11.91 -9.93 -18.24
C ASN A 14 -11.27 -10.32 -19.56
N LYS A 15 -12.03 -11.04 -20.40
CA LYS A 15 -11.61 -11.42 -21.75
C LYS A 15 -10.50 -12.47 -21.77
N THR A 16 -10.28 -13.19 -20.67
CA THR A 16 -9.26 -14.24 -20.65
C THR A 16 -9.76 -15.41 -19.81
N ILE A 17 -9.18 -16.58 -20.07
N ILE A 17 -9.19 -16.58 -20.06
CA ILE A 17 -9.58 -17.81 -19.36
CA ILE A 17 -9.62 -17.80 -19.37
C ILE A 17 -8.94 -17.81 -17.98
C ILE A 17 -8.96 -17.87 -18.00
N TRP A 18 -9.78 -17.95 -16.96
CA TRP A 18 -9.32 -18.26 -15.62
C TRP A 18 -9.55 -19.75 -15.39
N GLU A 19 -8.61 -20.41 -14.74
CA GLU A 19 -8.73 -21.83 -14.43
C GLU A 19 -8.51 -21.97 -12.93
N VAL A 20 -9.57 -22.28 -12.19
CA VAL A 20 -9.52 -22.24 -10.74
C VAL A 20 -10.09 -23.52 -10.12
N PRO A 21 -9.67 -23.87 -8.91
CA PRO A 21 -10.27 -25.02 -8.21
C PRO A 21 -11.76 -24.82 -7.99
N GLU A 22 -12.51 -25.93 -8.02
CA GLU A 22 -13.95 -25.90 -7.78
C GLU A 22 -14.30 -25.29 -6.43
N ARG A 23 -13.35 -25.29 -5.49
CA ARG A 23 -13.54 -24.67 -4.19
C ARG A 23 -14.00 -23.21 -4.32
N TYR A 24 -13.51 -22.50 -5.32
CA TYR A 24 -13.79 -21.08 -5.47
C TYR A 24 -14.89 -20.89 -6.50
N GLN A 25 -16.00 -20.29 -6.10
CA GLN A 25 -17.19 -20.19 -6.93
C GLN A 25 -17.65 -18.75 -7.05
N ASN A 26 -18.52 -18.51 -8.04
CA ASN A 26 -19.15 -17.22 -8.25
C ASN A 26 -18.13 -16.10 -8.50
N LEU A 27 -17.15 -16.37 -9.36
CA LEU A 27 -16.13 -15.38 -9.62
C LEU A 27 -16.73 -14.17 -10.34
N SER A 28 -16.35 -12.97 -9.90
N SER A 28 -16.32 -12.97 -9.92
CA SER A 28 -16.83 -11.78 -10.54
CA SER A 28 -16.85 -11.72 -10.44
C SER A 28 -15.74 -10.71 -10.47
C SER A 28 -15.73 -10.69 -10.45
N PRO A 29 -15.47 -10.03 -11.57
CA PRO A 29 -14.34 -9.08 -11.61
C PRO A 29 -14.52 -7.89 -10.69
N VAL A 30 -13.45 -7.53 -9.99
CA VAL A 30 -13.44 -6.37 -9.11
C VAL A 30 -12.21 -5.49 -9.34
N GLY A 31 -11.61 -5.60 -10.52
CA GLY A 31 -10.63 -4.63 -10.95
C GLY A 31 -9.23 -5.20 -11.13
N SER A 32 -8.34 -4.33 -11.58
CA SER A 32 -6.95 -4.71 -11.77
C SER A 32 -6.18 -4.61 -10.47
N GLY A 33 -5.10 -5.39 -10.39
CA GLY A 33 -4.15 -5.28 -9.30
C GLY A 33 -2.76 -5.12 -9.88
N ALA A 34 -1.74 -5.09 -9.03
CA ALA A 34 -0.38 -4.99 -9.52
C ALA A 34 -0.06 -6.22 -10.36
N TYR A 35 0.24 -6.01 -11.64
CA TYR A 35 0.65 -7.08 -12.54
C TYR A 35 -0.40 -8.17 -12.69
N GLY A 36 -1.67 -7.84 -12.51
CA GLY A 36 -2.71 -8.84 -12.60
C GLY A 36 -4.09 -8.21 -12.51
N SER A 37 -5.09 -9.08 -12.48
CA SER A 37 -6.48 -8.65 -12.35
C SER A 37 -7.16 -9.52 -11.29
N VAL A 38 -8.25 -9.01 -10.71
CA VAL A 38 -8.80 -9.57 -9.47
C VAL A 38 -10.27 -9.89 -9.63
N CYS A 39 -10.68 -11.04 -9.09
CA CYS A 39 -12.08 -11.42 -9.01
C CYS A 39 -12.45 -11.71 -7.56
N ALA A 40 -13.63 -11.29 -7.17
CA ALA A 40 -14.20 -11.75 -5.91
C ALA A 40 -14.73 -13.16 -6.12
N ALA A 41 -14.74 -13.95 -5.04
CA ALA A 41 -15.19 -15.32 -5.14
C ALA A 41 -15.71 -15.78 -3.78
N PHE A 42 -16.43 -16.90 -3.80
CA PHE A 42 -16.92 -17.54 -2.60
C PHE A 42 -16.10 -18.79 -2.39
N ASP A 43 -15.45 -18.89 -1.23
CA ASP A 43 -14.68 -20.07 -0.85
C ASP A 43 -15.62 -21.08 -0.20
N THR A 44 -15.96 -22.15 -0.94
CA THR A 44 -16.93 -23.12 -0.44
C THR A 44 -16.38 -23.98 0.69
N LYS A 45 -15.07 -23.98 0.92
CA LYS A 45 -14.51 -24.75 2.02
C LYS A 45 -14.86 -24.13 3.37
N THR A 46 -14.83 -22.80 3.45
CA THR A 46 -14.98 -22.09 4.71
C THR A 46 -16.17 -21.14 4.72
N GLY A 47 -16.87 -20.98 3.59
CA GLY A 47 -17.93 -20.00 3.50
C GLY A 47 -17.47 -18.56 3.53
N HIS A 48 -16.19 -18.29 3.34
CA HIS A 48 -15.67 -16.94 3.38
C HIS A 48 -15.59 -16.35 1.96
N ARG A 49 -15.71 -15.04 1.88
CA ARG A 49 -15.50 -14.33 0.61
C ARG A 49 -14.03 -14.02 0.44
N VAL A 50 -13.53 -14.26 -0.77
CA VAL A 50 -12.10 -14.08 -1.06
C VAL A 50 -11.94 -13.25 -2.32
N ALA A 51 -10.74 -12.73 -2.49
CA ALA A 51 -10.32 -12.08 -3.72
C ALA A 51 -9.20 -12.91 -4.33
N VAL A 52 -9.34 -13.23 -5.62
CA VAL A 52 -8.37 -14.04 -6.35
C VAL A 52 -7.72 -13.15 -7.40
N LYS A 53 -6.40 -13.01 -7.34
CA LYS A 53 -5.65 -12.26 -8.34
C LYS A 53 -4.96 -13.24 -9.28
N LYS A 54 -5.24 -13.11 -10.57
CA LYS A 54 -4.52 -13.87 -11.59
C LYS A 54 -3.39 -12.99 -12.11
N LEU A 55 -2.15 -13.43 -11.93
CA LEU A 55 -1.03 -12.66 -12.44
C LEU A 55 -1.03 -12.68 -13.97
N SER A 56 -0.71 -11.53 -14.56
CA SER A 56 -0.68 -11.41 -16.01
C SER A 56 0.71 -11.78 -16.51
N ARG A 57 0.79 -12.81 -17.34
CA ARG A 57 2.05 -13.21 -17.98
C ARG A 57 3.21 -13.26 -16.98
N PRO A 58 3.09 -14.06 -15.92
CA PRO A 58 4.07 -13.98 -14.83
C PRO A 58 5.50 -14.36 -15.24
N PHE A 59 5.68 -15.10 -16.33
CA PHE A 59 7.02 -15.55 -16.70
C PHE A 59 7.41 -15.13 -18.12
N GLN A 60 6.90 -14.00 -18.57
CA GLN A 60 7.15 -13.56 -19.95
C GLN A 60 8.61 -13.13 -20.17
N SER A 61 9.26 -12.58 -19.15
CA SER A 61 10.63 -12.10 -19.20
C SER A 61 11.19 -12.19 -17.80
N ILE A 62 12.50 -11.91 -17.65
CA ILE A 62 13.09 -11.91 -16.32
C ILE A 62 12.46 -10.83 -15.44
N ILE A 63 11.93 -9.77 -16.05
CA ILE A 63 11.29 -8.72 -15.27
C ILE A 63 10.00 -9.26 -14.65
N HIS A 64 9.16 -9.87 -15.48
CA HIS A 64 7.93 -10.47 -14.95
C HIS A 64 8.25 -11.61 -13.99
N ALA A 65 9.22 -12.46 -14.35
CA ALA A 65 9.48 -13.64 -13.53
C ALA A 65 9.98 -13.26 -12.15
N LYS A 66 10.88 -12.28 -12.05
CA LYS A 66 11.38 -11.90 -10.75
C LYS A 66 10.32 -11.16 -9.95
N ARG A 67 9.49 -10.36 -10.62
CA ARG A 67 8.43 -9.68 -9.87
C ARG A 67 7.37 -10.66 -9.39
N THR A 68 7.13 -11.74 -10.13
CA THR A 68 6.24 -12.79 -9.65
C THR A 68 6.79 -13.44 -8.38
N TYR A 69 8.06 -13.79 -8.40
CA TYR A 69 8.70 -14.37 -7.22
C TYR A 69 8.69 -13.39 -6.07
N ARG A 70 9.03 -12.14 -6.34
CA ARG A 70 9.06 -11.09 -5.33
C ARG A 70 7.71 -10.97 -4.65
N GLU A 71 6.63 -10.92 -5.43
CA GLU A 71 5.29 -10.73 -4.85
C GLU A 71 4.87 -11.95 -4.04
N LEU A 72 5.12 -13.15 -4.56
CA LEU A 72 4.74 -14.35 -3.82
C LEU A 72 5.51 -14.48 -2.51
N ARG A 73 6.83 -14.24 -2.54
CA ARG A 73 7.62 -14.28 -1.33
C ARG A 73 7.15 -13.26 -0.31
N LEU A 74 6.89 -12.03 -0.77
CA LEU A 74 6.42 -10.98 0.10
C LEU A 74 5.09 -11.37 0.74
N LEU A 75 4.12 -11.78 -0.08
CA LEU A 75 2.79 -12.04 0.46
C LEU A 75 2.78 -13.27 1.37
N LYS A 76 3.65 -14.25 1.10
CA LYS A 76 3.76 -15.38 2.00
C LYS A 76 4.31 -15.00 3.37
N HIS A 77 5.07 -13.90 3.45
CA HIS A 77 5.66 -13.47 4.70
C HIS A 77 4.73 -12.58 5.53
N MET A 78 3.82 -11.87 4.89
CA MET A 78 3.01 -10.84 5.55
C MET A 78 1.91 -11.49 6.36
N LYS A 79 1.98 -11.34 7.69
CA LYS A 79 0.98 -11.93 8.60
C LYS A 79 0.58 -10.84 9.61
N HIS A 80 -0.28 -9.94 9.16
CA HIS A 80 -0.70 -8.79 9.96
C HIS A 80 -2.10 -8.36 9.54
N GLU A 81 -2.93 -8.00 10.52
CA GLU A 81 -4.33 -7.70 10.21
C GLU A 81 -4.54 -6.47 9.33
N ASN A 82 -3.53 -5.59 9.19
CA ASN A 82 -3.67 -4.42 8.35
C ASN A 82 -2.79 -4.49 7.12
N VAL A 83 -2.43 -5.69 6.69
CA VAL A 83 -1.57 -5.89 5.53
C VAL A 83 -2.12 -7.06 4.76
N ILE A 84 -2.23 -6.91 3.43
CA ILE A 84 -2.67 -8.02 2.60
C ILE A 84 -1.71 -9.18 2.77
N GLY A 85 -2.26 -10.36 3.06
CA GLY A 85 -1.51 -11.59 3.11
C GLY A 85 -2.26 -12.67 2.35
N LEU A 86 -1.85 -13.92 2.47
CA LEU A 86 -2.33 -14.98 1.59
C LEU A 86 -3.15 -16.00 2.35
N LEU A 87 -4.33 -16.33 1.80
CA LEU A 87 -5.09 -17.48 2.23
C LEU A 87 -4.73 -18.72 1.42
N ASP A 88 -4.31 -18.52 0.17
CA ASP A 88 -4.07 -19.62 -0.76
C ASP A 88 -3.26 -19.08 -1.92
N VAL A 89 -2.56 -19.98 -2.58
CA VAL A 89 -1.92 -19.71 -3.87
C VAL A 89 -2.01 -21.01 -4.66
N PHE A 90 -2.40 -20.90 -5.93
CA PHE A 90 -2.64 -22.10 -6.71
C PHE A 90 -2.24 -21.88 -8.16
N THR A 91 -2.10 -23.01 -8.86
CA THR A 91 -1.82 -23.00 -10.27
C THR A 91 -2.51 -24.22 -10.83
N PRO A 92 -3.08 -24.12 -12.04
CA PRO A 92 -3.63 -25.32 -12.69
C PRO A 92 -2.54 -26.26 -13.19
N ALA A 93 -1.27 -25.86 -13.16
CA ALA A 93 -0.20 -26.72 -13.63
C ALA A 93 -0.04 -27.93 -12.74
N ARG A 94 0.22 -29.09 -13.36
CA ARG A 94 0.49 -30.31 -12.62
C ARG A 94 1.99 -30.56 -12.45
N SER A 95 2.84 -29.76 -13.07
CA SER A 95 4.28 -29.94 -12.96
C SER A 95 4.94 -28.61 -13.29
N LEU A 96 6.22 -28.51 -12.93
CA LEU A 96 7.00 -27.33 -13.28
C LEU A 96 7.03 -27.09 -14.79
N GLU A 97 7.12 -28.18 -15.57
CA GLU A 97 7.19 -28.05 -17.02
C GLU A 97 5.94 -27.39 -17.59
N GLU A 98 4.81 -27.52 -16.91
CA GLU A 98 3.51 -27.00 -17.30
C GLU A 98 3.22 -25.64 -16.68
N PHE A 99 4.10 -25.15 -15.82
CA PHE A 99 3.77 -24.06 -14.90
C PHE A 99 3.87 -22.73 -15.63
N ASN A 100 2.74 -22.05 -15.80
CA ASN A 100 2.77 -20.74 -16.44
C ASN A 100 1.74 -19.76 -15.91
N ASP A 101 0.99 -20.10 -14.86
CA ASP A 101 -0.06 -19.24 -14.34
C ASP A 101 -0.05 -19.33 -12.83
N VAL A 102 -0.24 -18.19 -12.16
CA VAL A 102 -0.18 -18.09 -10.71
C VAL A 102 -1.38 -17.29 -10.23
N TYR A 103 -2.11 -17.84 -9.27
CA TYR A 103 -3.26 -17.16 -8.69
C TYR A 103 -3.04 -17.01 -7.19
N LEU A 104 -3.29 -15.81 -6.68
CA LEU A 104 -3.10 -15.48 -5.27
C LEU A 104 -4.47 -15.20 -4.65
N VAL A 105 -4.70 -15.68 -3.44
CA VAL A 105 -6.00 -15.56 -2.80
C VAL A 105 -5.84 -14.84 -1.46
N THR A 106 -6.71 -13.86 -1.20
CA THR A 106 -6.73 -13.16 0.08
C THR A 106 -8.18 -12.91 0.50
N HIS A 107 -8.36 -12.41 1.73
CA HIS A 107 -9.71 -12.07 2.16
C HIS A 107 -10.28 -10.95 1.30
N LEU A 108 -11.57 -11.05 0.98
CA LEU A 108 -12.20 -10.03 0.14
C LEU A 108 -12.35 -8.73 0.89
N MET A 109 -11.90 -7.64 0.27
CA MET A 109 -12.09 -6.28 0.77
C MET A 109 -12.81 -5.50 -0.31
N GLY A 110 -14.02 -5.03 -0.01
CA GLY A 110 -14.92 -4.58 -1.06
C GLY A 110 -14.58 -3.25 -1.71
N ALA A 111 -13.74 -2.43 -1.09
CA ALA A 111 -13.59 -1.04 -1.49
C ALA A 111 -12.14 -0.61 -1.37
N ASP A 112 -11.84 0.60 -1.83
CA ASP A 112 -10.61 1.27 -1.47
C ASP A 112 -10.95 2.55 -0.72
N LEU A 113 -9.91 3.24 -0.23
CA LEU A 113 -10.15 4.38 0.63
C LEU A 113 -10.90 5.49 -0.08
N ASN A 114 -10.75 5.60 -1.42
CA ASN A 114 -11.55 6.56 -2.16
C ASN A 114 -13.05 6.28 -2.03
N ASN A 115 -13.44 5.03 -1.83
N ASN A 115 -13.42 5.01 -1.83
CA ASN A 115 -14.85 4.72 -1.60
CA ASN A 115 -14.82 4.60 -1.65
C ASN A 115 -15.32 5.20 -0.22
C ASN A 115 -15.17 4.33 -0.19
N ILE A 116 -14.41 5.39 0.72
N ILE A 116 -14.48 4.97 0.76
CA ILE A 116 -14.78 5.77 2.09
CA ILE A 116 -14.75 4.71 2.17
C ILE A 116 -14.95 7.28 2.22
C ILE A 116 -16.20 5.02 2.49
N VAL A 117 -14.04 8.07 1.64
N VAL A 117 -16.90 4.05 3.10
CA VAL A 117 -14.03 9.52 1.87
CA VAL A 117 -18.29 4.25 3.47
C VAL A 117 -14.77 10.30 0.79
C VAL A 117 -18.37 5.31 4.57
N LYS A 118 -15.24 9.64 -0.27
N LYS A 118 -19.35 6.20 4.45
CA LYS A 118 -15.84 10.35 -1.38
CA LYS A 118 -19.48 7.31 5.36
C LYS A 118 -17.19 10.96 -1.00
C LYS A 118 -20.88 7.89 5.23
N CYS A 119 -18.14 10.11 -0.61
N CYS A 119 -21.24 8.75 6.18
CA CYS A 119 -19.50 10.55 -0.34
CA CYS A 119 -22.49 9.49 6.15
C CYS A 119 -19.84 10.55 1.15
C CYS A 119 -22.13 10.96 5.94
N GLN A 120 -18.86 10.83 2.00
N GLN A 120 -22.09 11.36 4.66
CA GLN A 120 -19.09 10.78 3.45
CA GLN A 120 -21.62 12.66 4.23
C GLN A 120 -18.20 11.81 4.12
C GLN A 120 -20.13 12.83 4.50
N LYS A 121 -18.80 12.74 4.85
N LYS A 121 -19.77 13.42 5.63
CA LYS A 121 -18.06 13.58 5.78
CA LYS A 121 -18.39 13.65 6.00
C LYS A 121 -17.68 12.69 6.96
C LYS A 121 -17.94 12.60 7.01
N LEU A 122 -16.44 12.23 6.96
N LEU A 122 -16.64 12.34 7.03
CA LEU A 122 -15.98 11.35 8.03
CA LEU A 122 -16.06 11.44 8.00
C LEU A 122 -15.88 12.11 9.34
C LEU A 122 -15.90 12.14 9.34
N THR A 123 -16.26 11.46 10.42
CA THR A 123 -16.01 12.04 11.73
C THR A 123 -14.53 11.91 12.06
N ASP A 124 -14.08 12.73 13.00
CA ASP A 124 -12.69 12.65 13.44
C ASP A 124 -12.36 11.29 14.04
N ASP A 125 -13.30 10.71 14.79
CA ASP A 125 -13.05 9.39 15.38
C ASP A 125 -12.85 8.34 14.29
N HIS A 126 -13.56 8.49 13.18
CA HIS A 126 -13.45 7.55 12.06
C HIS A 126 -12.14 7.76 11.32
N VAL A 127 -11.75 9.02 11.09
CA VAL A 127 -10.45 9.29 10.47
C VAL A 127 -9.32 8.71 11.32
N GLN A 128 -9.39 8.92 12.63
CA GLN A 128 -8.40 8.32 13.53
C GLN A 128 -8.24 6.84 13.29
N PHE A 129 -9.37 6.11 13.24
CA PHE A 129 -9.33 4.67 13.04
C PHE A 129 -8.69 4.31 11.71
N LEU A 130 -9.04 5.02 10.64
CA LEU A 130 -8.48 4.72 9.33
C LEU A 130 -6.97 4.94 9.29
N ILE A 131 -6.52 6.09 9.80
CA ILE A 131 -5.09 6.40 9.78
C ILE A 131 -4.32 5.49 10.74
N TYR A 132 -4.91 5.21 11.92
CA TYR A 132 -4.29 4.29 12.87
C TYR A 132 -3.97 2.95 12.20
N GLN A 133 -4.92 2.43 11.43
CA GLN A 133 -4.70 1.13 10.79
C GLN A 133 -3.60 1.19 9.74
N ILE A 134 -3.56 2.26 8.94
CA ILE A 134 -2.45 2.42 7.99
C ILE A 134 -1.13 2.38 8.74
N LEU A 135 -1.03 3.13 9.83
CA LEU A 135 0.23 3.21 10.55
C LEU A 135 0.60 1.88 11.19
N ARG A 136 -0.39 1.13 11.69
CA ARG A 136 -0.10 -0.18 12.24
C ARG A 136 0.50 -1.09 11.18
N GLY A 137 -0.10 -1.09 9.99
CA GLY A 137 0.43 -1.91 8.91
C GLY A 137 1.81 -1.45 8.49
N LEU A 138 2.02 -0.13 8.45
CA LEU A 138 3.35 0.35 8.06
C LEU A 138 4.40 0.01 9.10
N LYS A 139 4.07 0.10 10.40
CA LYS A 139 5.04 -0.32 11.41
C LYS A 139 5.52 -1.74 11.14
N TYR A 140 4.57 -2.62 10.83
CA TYR A 140 4.90 -4.02 10.55
C TYR A 140 5.77 -4.16 9.31
N ILE A 141 5.34 -3.59 8.17
CA ILE A 141 6.18 -3.79 6.97
C ILE A 141 7.53 -3.10 7.11
N HIS A 142 7.57 -1.90 7.68
CA HIS A 142 8.85 -1.21 7.84
C HIS A 142 9.81 -2.00 8.73
N SER A 143 9.28 -2.69 9.72
CA SER A 143 10.11 -3.48 10.61
C SER A 143 10.77 -4.65 9.91
N ALA A 144 10.25 -5.08 8.75
CA ALA A 144 10.91 -6.09 7.92
C ALA A 144 11.73 -5.47 6.79
N ASP A 145 12.02 -4.17 6.87
CA ASP A 145 12.80 -3.47 5.84
C ASP A 145 12.11 -3.52 4.48
N ILE A 146 10.78 -3.42 4.50
CA ILE A 146 9.94 -3.34 3.32
C ILE A 146 9.27 -1.98 3.34
N ILE A 147 9.36 -1.25 2.22
CA ILE A 147 8.76 0.08 2.08
C ILE A 147 7.69 0.02 1.00
N HIS A 148 6.66 0.84 1.14
CA HIS A 148 5.65 0.88 0.08
C HIS A 148 6.15 1.67 -1.13
N ARG A 149 6.50 2.94 -0.90
CA ARG A 149 7.00 3.88 -1.91
C ARG A 149 5.92 4.51 -2.79
N ASP A 150 4.70 3.97 -2.84
CA ASP A 150 3.64 4.58 -3.62
C ASP A 150 2.31 4.42 -2.90
N LEU A 151 2.32 4.72 -1.61
CA LEU A 151 1.11 4.59 -0.79
C LEU A 151 0.13 5.71 -1.15
N LYS A 152 -1.14 5.34 -1.30
CA LYS A 152 -2.17 6.24 -1.80
C LYS A 152 -3.52 5.60 -1.52
N PRO A 153 -4.62 6.36 -1.60
CA PRO A 153 -5.93 5.76 -1.27
C PRO A 153 -6.27 4.52 -2.07
N SER A 154 -5.88 4.46 -3.35
CA SER A 154 -6.23 3.30 -4.17
C SER A 154 -5.42 2.07 -3.83
N ASN A 155 -4.38 2.20 -2.99
CA ASN A 155 -3.60 1.08 -2.48
C ASN A 155 -3.97 0.73 -1.05
N LEU A 156 -5.11 1.20 -0.57
CA LEU A 156 -5.62 0.84 0.74
C LEU A 156 -6.96 0.15 0.54
N ALA A 157 -6.99 -1.14 0.81
CA ALA A 157 -8.21 -1.92 0.68
C ALA A 157 -9.00 -1.81 1.97
N VAL A 158 -10.31 -1.62 1.84
CA VAL A 158 -11.18 -1.36 2.99
C VAL A 158 -12.42 -2.23 2.83
N ASN A 159 -12.89 -2.81 3.94
CA ASN A 159 -14.12 -3.58 3.89
C ASN A 159 -15.29 -2.74 4.39
N GLU A 160 -16.45 -3.40 4.53
CA GLU A 160 -17.70 -2.71 4.84
C GLU A 160 -17.71 -2.13 6.25
N ASP A 161 -16.80 -2.57 7.11
CA ASP A 161 -16.70 -2.05 8.47
C ASP A 161 -15.48 -1.16 8.68
N SER A 162 -14.91 -0.62 7.60
CA SER A 162 -13.80 0.32 7.64
C SER A 162 -12.52 -0.32 8.12
N GLU A 163 -12.43 -1.65 8.14
CA GLU A 163 -11.17 -2.33 8.39
C GLU A 163 -10.34 -2.22 7.14
N LEU A 164 -9.05 -1.95 7.32
CA LEU A 164 -8.19 -1.53 6.22
C LEU A 164 -6.95 -2.40 6.13
N LYS A 165 -6.49 -2.64 4.91
CA LYS A 165 -5.21 -3.31 4.68
C LYS A 165 -4.40 -2.62 3.60
N ILE A 166 -3.10 -2.55 3.81
CA ILE A 166 -2.19 -1.98 2.81
C ILE A 166 -1.91 -3.03 1.75
N LEU A 167 -1.93 -2.62 0.48
CA LEU A 167 -1.57 -3.55 -0.56
C LEU A 167 -0.62 -2.90 -1.55
N ASP A 168 -0.01 -3.76 -2.35
CA ASP A 168 0.90 -3.35 -3.41
C ASP A 168 2.13 -2.64 -2.87
N PHE A 169 2.55 -3.00 -1.65
CA PHE A 169 3.79 -2.53 -1.08
C PHE A 169 4.93 -3.40 -1.59
N GLY A 170 6.15 -2.85 -1.48
CA GLY A 170 7.36 -3.63 -1.75
C GLY A 170 7.57 -4.02 -3.19
N LEU A 171 6.87 -3.39 -4.12
CA LEU A 171 6.97 -3.75 -5.53
C LEU A 171 7.71 -2.67 -6.29
N TYR A 182 -0.74 3.15 -18.46
CA TYR A 182 -1.05 3.34 -17.04
C TYR A 182 -0.33 4.57 -16.50
N VAL A 183 -1.09 5.61 -16.18
CA VAL A 183 -0.56 6.82 -15.55
C VAL A 183 -1.05 6.84 -14.11
N ALA A 184 -0.11 6.83 -13.17
CA ALA A 184 -0.45 6.81 -11.76
C ALA A 184 -0.51 8.22 -11.20
N THR A 185 -1.35 8.40 -10.17
N THR A 185 -1.34 8.41 -10.18
CA THR A 185 -1.33 9.64 -9.42
CA THR A 185 -1.32 9.69 -9.49
C THR A 185 -0.03 9.78 -8.66
C THR A 185 -0.09 9.81 -8.61
N ARG A 186 0.51 11.00 -8.63
CA ARG A 186 1.68 11.31 -7.83
C ARG A 186 1.35 12.18 -6.64
N TRP A 187 0.07 12.49 -6.43
CA TRP A 187 -0.34 13.46 -5.43
C TRP A 187 0.03 13.05 -4.01
N TYR A 188 0.27 11.76 -3.77
CA TYR A 188 0.55 11.27 -2.43
C TYR A 188 2.00 10.83 -2.25
N ARG A 189 2.81 10.96 -3.30
CA ARG A 189 4.17 10.46 -3.25
C ARG A 189 5.07 11.40 -2.46
N ALA A 190 6.02 10.81 -1.74
CA ALA A 190 6.98 11.62 -1.00
C ALA A 190 7.79 12.44 -1.99
N PRO A 191 8.12 13.69 -1.66
CA PRO A 191 8.89 14.51 -2.60
C PRO A 191 10.18 13.87 -3.02
N GLU A 192 10.85 13.16 -2.10
CA GLU A 192 12.12 12.53 -2.43
C GLU A 192 11.95 11.39 -3.44
N ILE A 193 10.76 10.78 -3.51
CA ILE A 193 10.48 9.75 -4.50
C ILE A 193 10.08 10.39 -5.82
N MET A 194 9.10 11.30 -5.76
CA MET A 194 8.61 11.95 -6.96
C MET A 194 9.73 12.61 -7.75
N LEU A 195 10.70 13.21 -7.06
CA LEU A 195 11.77 13.96 -7.70
C LEU A 195 13.11 13.21 -7.76
N ASN A 196 13.12 11.93 -7.39
CA ASN A 196 14.29 11.07 -7.56
C ASN A 196 15.52 11.59 -6.81
N TRP A 197 15.32 11.93 -5.54
CA TRP A 197 16.44 12.36 -4.71
C TRP A 197 17.33 11.16 -4.37
N MET A 198 18.55 11.46 -3.92
CA MET A 198 19.60 10.45 -3.94
C MET A 198 19.47 9.41 -2.84
N HIS A 199 18.87 9.76 -1.71
CA HIS A 199 18.67 8.80 -0.62
C HIS A 199 17.36 9.10 0.07
N TYR A 200 16.72 8.03 0.57
CA TYR A 200 15.48 8.16 1.30
C TYR A 200 15.36 6.97 2.25
N ASN A 201 14.33 6.99 3.09
CA ASN A 201 14.15 5.94 4.08
C ASN A 201 12.68 5.54 4.12
N GLN A 202 12.33 4.74 5.12
CA GLN A 202 10.97 4.24 5.25
C GLN A 202 9.95 5.35 5.42
N THR A 203 10.36 6.53 5.89
CA THR A 203 9.37 7.59 6.10
C THR A 203 8.83 8.20 4.82
N VAL A 204 9.29 7.78 3.62
CA VAL A 204 8.55 8.17 2.42
C VAL A 204 7.07 7.85 2.59
N ASP A 205 6.78 6.71 3.23
CA ASP A 205 5.39 6.31 3.37
C ASP A 205 4.64 7.19 4.36
N ILE A 206 5.37 7.82 5.29
CA ILE A 206 4.71 8.70 6.27
C ILE A 206 4.25 9.99 5.60
N TRP A 207 5.03 10.51 4.65
CA TRP A 207 4.55 11.64 3.86
C TRP A 207 3.21 11.30 3.21
N SER A 208 3.12 10.11 2.64
CA SER A 208 1.88 9.70 1.99
C SER A 208 0.74 9.65 2.99
N VAL A 209 0.99 9.12 4.20
CA VAL A 209 -0.04 9.10 5.24
C VAL A 209 -0.51 10.52 5.54
N GLY A 210 0.40 11.48 5.65
CA GLY A 210 -0.02 12.85 5.87
C GLY A 210 -0.94 13.37 4.77
N CYS A 211 -0.61 13.09 3.52
CA CYS A 211 -1.44 13.54 2.40
C CYS A 211 -2.81 12.88 2.46
N ILE A 212 -2.85 11.59 2.80
CA ILE A 212 -4.12 10.88 2.89
C ILE A 212 -4.94 11.42 4.03
N MET A 213 -4.32 11.58 5.20
CA MET A 213 -5.03 12.07 6.37
C MET A 213 -5.59 13.48 6.12
N ALA A 214 -4.79 14.36 5.52
CA ALA A 214 -5.28 15.71 5.22
C ALA A 214 -6.54 15.66 4.38
N GLU A 215 -6.56 14.78 3.37
CA GLU A 215 -7.71 14.66 2.49
C GLU A 215 -8.92 14.08 3.21
N LEU A 216 -8.70 13.11 4.11
CA LEU A 216 -9.81 12.57 4.90
C LEU A 216 -10.42 13.63 5.79
N LEU A 217 -9.61 14.59 6.25
CA LEU A 217 -10.10 15.60 7.19
C LEU A 217 -10.85 16.73 6.49
N THR A 218 -10.41 17.12 5.28
CA THR A 218 -10.97 18.26 4.59
C THR A 218 -11.84 17.88 3.40
N GLY A 219 -11.79 16.63 2.95
CA GLY A 219 -12.48 16.25 1.73
C GLY A 219 -11.84 16.73 0.45
N ARG A 220 -10.64 17.33 0.52
CA ARG A 220 -9.97 17.87 -0.65
C ARG A 220 -8.55 17.33 -0.72
N THR A 221 -8.09 17.10 -1.94
CA THR A 221 -6.70 16.70 -2.16
C THR A 221 -5.78 17.78 -1.64
N LEU A 222 -4.73 17.37 -0.92
CA LEU A 222 -3.80 18.32 -0.33
C LEU A 222 -2.90 18.98 -1.38
N PHE A 223 -2.30 18.19 -2.27
CA PHE A 223 -1.35 18.71 -3.26
C PHE A 223 -1.73 18.24 -4.66
N PRO A 224 -2.81 18.77 -5.23
CA PRO A 224 -3.26 18.29 -6.56
C PRO A 224 -2.49 18.95 -7.71
N GLY A 225 -1.19 18.67 -7.78
CA GLY A 225 -0.37 19.28 -8.81
C GLY A 225 -0.62 18.68 -10.19
N THR A 226 -0.51 19.54 -11.21
CA THR A 226 -0.71 19.11 -12.59
C THR A 226 0.53 18.46 -13.19
N ASP A 227 1.70 18.75 -12.65
CA ASP A 227 2.96 18.14 -13.06
C ASP A 227 3.89 18.17 -11.86
N HIS A 228 5.09 17.62 -12.03
CA HIS A 228 6.00 17.51 -10.89
C HIS A 228 6.42 18.89 -10.37
N ILE A 229 6.56 19.88 -11.26
CA ILE A 229 6.94 21.22 -10.81
C ILE A 229 5.78 21.89 -10.08
N ASP A 230 4.57 21.79 -10.65
CA ASP A 230 3.40 22.34 -9.99
C ASP A 230 3.16 21.68 -8.64
N GLN A 231 3.37 20.36 -8.57
CA GLN A 231 3.19 19.67 -7.29
C GLN A 231 4.22 20.15 -6.27
N LEU A 232 5.48 20.33 -6.69
CA LEU A 232 6.49 20.82 -5.77
C LEU A 232 6.14 22.21 -5.24
N LYS A 233 5.65 23.09 -6.12
CA LYS A 233 5.28 24.43 -5.69
C LYS A 233 4.17 24.40 -4.66
N LEU A 234 3.16 23.54 -4.85
CA LEU A 234 2.10 23.40 -3.84
C LEU A 234 2.67 22.93 -2.52
N ILE A 235 3.56 21.94 -2.57
CA ILE A 235 4.19 21.43 -1.35
C ILE A 235 4.96 22.53 -0.64
N LEU A 236 5.80 23.25 -1.38
CA LEU A 236 6.62 24.29 -0.76
C LEU A 236 5.78 25.43 -0.20
N ARG A 237 4.60 25.71 -0.78
CA ARG A 237 3.74 26.73 -0.20
C ARG A 237 3.27 26.34 1.20
N LEU A 238 3.06 25.05 1.44
CA LEU A 238 2.64 24.62 2.76
C LEU A 238 3.81 24.54 3.75
N VAL A 239 4.89 23.87 3.35
CA VAL A 239 5.95 23.53 4.29
C VAL A 239 7.09 24.54 4.29
N GLY A 240 7.09 25.50 3.37
CA GLY A 240 8.14 26.49 3.31
C GLY A 240 9.31 26.02 2.46
N THR A 241 10.09 26.99 1.99
CA THR A 241 11.28 26.68 1.21
C THR A 241 12.30 25.95 2.08
N PRO A 242 12.98 24.96 1.53
CA PRO A 242 13.93 24.19 2.32
C PRO A 242 15.27 24.91 2.41
N GLY A 243 16.06 24.46 3.36
CA GLY A 243 17.40 24.96 3.49
C GLY A 243 18.34 24.36 2.47
N ALA A 244 19.55 24.92 2.45
CA ALA A 244 20.57 24.41 1.55
C ALA A 244 20.89 22.94 1.83
N GLU A 245 20.77 22.51 3.09
CA GLU A 245 21.04 21.12 3.44
C GLU A 245 20.21 20.16 2.59
N LEU A 246 18.95 20.51 2.31
CA LEU A 246 18.11 19.62 1.52
C LEU A 246 18.63 19.48 0.09
N LEU A 247 19.29 20.52 -0.43
CA LEU A 247 19.86 20.42 -1.78
C LEU A 247 20.90 19.32 -1.87
N LYS A 248 21.54 18.97 -0.75
CA LYS A 248 22.53 17.90 -0.70
C LYS A 248 22.00 16.63 -1.35
N LYS A 249 20.70 16.39 -1.26
CA LYS A 249 20.09 15.14 -1.69
C LYS A 249 19.73 15.10 -3.17
N ILE A 250 19.91 16.20 -3.90
CA ILE A 250 19.36 16.35 -5.24
C ILE A 250 20.52 16.31 -6.24
N SER A 251 20.53 15.32 -7.13
CA SER A 251 21.65 15.17 -8.05
C SER A 251 21.66 16.26 -9.11
N SER A 252 20.52 16.49 -9.77
CA SER A 252 20.47 17.35 -10.96
C SER A 252 20.77 18.80 -10.58
N GLU A 253 21.80 19.38 -11.22
CA GLU A 253 22.10 20.80 -10.99
C GLU A 253 20.96 21.68 -11.45
N SER A 254 20.33 21.35 -12.58
CA SER A 254 19.19 22.13 -13.07
C SER A 254 18.08 22.16 -12.03
N ALA A 255 17.79 21.02 -11.41
CA ALA A 255 16.75 20.95 -10.39
C ALA A 255 17.13 21.78 -9.16
N ARG A 256 18.36 21.61 -8.67
CA ARG A 256 18.80 22.38 -7.50
C ARG A 256 18.75 23.88 -7.79
N ASN A 257 19.28 24.29 -8.95
CA ASN A 257 19.27 25.71 -9.31
C ASN A 257 17.84 26.24 -9.33
N TYR A 258 16.90 25.44 -9.85
CA TYR A 258 15.51 25.86 -9.89
C TYR A 258 14.97 26.09 -8.48
N ILE A 259 15.09 25.07 -7.62
CA ILE A 259 14.56 25.18 -6.26
C ILE A 259 15.20 26.35 -5.52
N GLN A 260 16.51 26.49 -5.65
CA GLN A 260 17.21 27.60 -5.02
C GLN A 260 16.73 28.94 -5.56
N SER A 261 16.33 28.98 -6.83
CA SER A 261 15.90 30.21 -7.48
C SER A 261 14.53 30.68 -7.01
N LEU A 262 13.74 29.80 -6.38
CA LEU A 262 12.38 30.18 -5.98
C LEU A 262 12.43 31.22 -4.87
N ALA A 263 11.48 32.15 -4.91
CA ALA A 263 11.36 33.14 -3.85
C ALA A 263 11.08 32.43 -2.53
N GLN A 264 11.70 32.93 -1.46
CA GLN A 264 11.59 32.27 -0.17
C GLN A 264 10.15 32.32 0.33
N MET A 265 9.69 31.20 0.86
CA MET A 265 8.33 31.06 1.36
C MET A 265 8.39 30.55 2.80
N PRO A 266 7.68 31.17 3.72
CA PRO A 266 7.61 30.63 5.08
C PRO A 266 6.71 29.42 5.10
N LYS A 267 6.97 28.55 6.07
CA LYS A 267 6.03 27.48 6.39
C LYS A 267 4.71 28.07 6.84
N MET A 268 3.61 27.44 6.44
CA MET A 268 2.31 27.89 6.92
C MET A 268 2.02 27.30 8.29
N ASN A 269 1.20 28.01 9.07
CA ASN A 269 0.67 27.45 10.31
C ASN A 269 -0.43 26.47 9.93
N PHE A 270 -0.20 25.18 10.19
CA PHE A 270 -1.17 24.17 9.78
C PHE A 270 -2.53 24.39 10.45
N ALA A 271 -2.54 25.02 11.62
CA ALA A 271 -3.80 25.32 12.29
C ALA A 271 -4.66 26.26 11.45
N ASN A 272 -4.02 27.10 10.63
CA ASN A 272 -4.72 27.98 9.71
C ASN A 272 -5.11 27.31 8.41
N VAL A 273 -4.53 26.14 8.12
CA VAL A 273 -4.86 25.41 6.90
C VAL A 273 -6.00 24.43 7.14
N PHE A 274 -5.93 23.71 8.25
CA PHE A 274 -6.94 22.70 8.59
C PHE A 274 -7.89 23.26 9.65
N ILE A 275 -8.58 24.33 9.25
CA ILE A 275 -9.47 25.05 10.15
C ILE A 275 -10.54 24.11 10.69
N GLY A 276 -10.69 24.10 12.02
CA GLY A 276 -11.70 23.31 12.67
C GLY A 276 -11.35 21.86 12.92
N ALA A 277 -10.14 21.44 12.56
CA ALA A 277 -9.74 20.07 12.83
C ALA A 277 -9.32 19.90 14.28
N ASN A 278 -9.41 18.67 14.76
CA ASN A 278 -8.88 18.31 16.06
C ASN A 278 -7.44 18.81 16.18
N PRO A 279 -7.09 19.59 17.21
CA PRO A 279 -5.72 20.10 17.29
C PRO A 279 -4.66 19.01 17.34
N LEU A 280 -5.02 17.82 17.85
CA LEU A 280 -4.09 16.70 17.82
C LEU A 280 -3.85 16.21 16.40
N ALA A 281 -4.88 16.28 15.55
CA ALA A 281 -4.68 15.92 14.14
C ALA A 281 -3.74 16.89 13.47
N VAL A 282 -3.89 18.18 13.77
CA VAL A 282 -3.02 19.20 13.18
C VAL A 282 -1.58 18.97 13.61
N ASP A 283 -1.38 18.66 14.90
CA ASP A 283 -0.03 18.42 15.40
C ASP A 283 0.61 17.22 14.72
N LEU A 284 -0.15 16.14 14.55
CA LEU A 284 0.39 14.98 13.86
C LEU A 284 0.75 15.31 12.41
N LEU A 285 -0.12 16.03 11.71
CA LEU A 285 0.19 16.43 10.34
C LEU A 285 1.48 17.23 10.27
N GLU A 286 1.72 18.10 11.25
CA GLU A 286 2.96 18.87 11.27
C GLU A 286 4.18 17.97 11.39
N LYS A 287 4.05 16.83 12.05
CA LYS A 287 5.15 15.91 12.23
C LYS A 287 5.34 14.98 11.04
N MET A 288 4.30 14.78 10.22
CA MET A 288 4.41 13.93 9.04
C MET A 288 4.84 14.70 7.80
N LEU A 289 4.32 15.91 7.62
CA LEU A 289 4.51 16.66 6.38
C LEU A 289 5.71 17.61 6.49
N VAL A 290 6.88 16.98 6.67
N VAL A 290 6.87 17.02 6.74
CA VAL A 290 8.16 17.66 6.76
CA VAL A 290 8.13 17.74 6.73
C VAL A 290 9.03 17.16 5.61
C VAL A 290 8.99 17.20 5.60
N LEU A 291 9.74 18.08 4.95
CA LEU A 291 10.56 17.69 3.81
C LEU A 291 11.75 16.84 4.22
N ASP A 292 12.37 17.13 5.36
CA ASP A 292 13.54 16.39 5.80
C ASP A 292 13.10 15.02 6.27
N SER A 293 13.47 13.98 5.51
CA SER A 293 13.01 12.63 5.81
C SER A 293 13.62 12.07 7.09
N ASP A 294 14.76 12.59 7.54
CA ASP A 294 15.31 12.16 8.82
C ASP A 294 14.64 12.82 10.01
N LYS A 295 13.85 13.88 9.78
CA LYS A 295 13.08 14.54 10.82
C LYS A 295 11.63 14.05 10.86
N ARG A 296 11.19 13.33 9.83
CA ARG A 296 9.80 12.89 9.75
C ARG A 296 9.51 11.83 10.81
N ILE A 297 8.33 11.91 11.42
CA ILE A 297 7.91 10.91 12.41
C ILE A 297 7.84 9.54 11.75
N THR A 298 8.22 8.50 12.51
CA THR A 298 8.12 7.13 12.01
C THR A 298 6.73 6.56 12.29
N ALA A 299 6.43 5.42 11.68
CA ALA A 299 5.14 4.78 11.94
C ALA A 299 4.99 4.42 13.41
N ALA A 300 6.02 3.82 14.01
CA ALA A 300 5.93 3.43 15.41
C ALA A 300 5.75 4.64 16.30
N GLN A 301 6.45 5.74 16.02
CA GLN A 301 6.27 6.93 16.83
C GLN A 301 4.87 7.50 16.66
N ALA A 302 4.35 7.48 15.42
CA ALA A 302 3.03 8.04 15.18
C ALA A 302 1.94 7.28 15.93
N LEU A 303 2.12 5.96 16.10
CA LEU A 303 1.12 5.16 16.80
C LEU A 303 1.00 5.57 18.26
N ALA A 304 2.06 6.15 18.82
CA ALA A 304 2.07 6.61 20.20
C ALA A 304 1.52 8.01 20.36
N HIS A 305 1.21 8.70 19.26
CA HIS A 305 0.74 10.07 19.31
C HIS A 305 -0.66 10.13 19.93
N ALA A 306 -0.93 11.19 20.70
CA ALA A 306 -2.18 11.30 21.42
C ALA A 306 -3.41 11.28 20.52
N TYR A 307 -3.26 11.65 19.24
CA TYR A 307 -4.39 11.58 18.30
C TYR A 307 -5.02 10.20 18.26
N PHE A 308 -4.24 9.14 18.49
CA PHE A 308 -4.75 7.78 18.43
C PHE A 308 -5.00 7.16 19.79
N ALA A 309 -5.07 7.98 20.84
CA ALA A 309 -5.14 7.47 22.21
C ALA A 309 -6.24 6.43 22.40
N GLN A 310 -7.41 6.62 21.79
CA GLN A 310 -8.51 5.68 22.02
C GLN A 310 -8.33 4.34 21.31
N TYR A 311 -7.39 4.25 20.37
CA TYR A 311 -7.14 3.01 19.65
C TYR A 311 -5.82 2.34 20.01
N HIS A 312 -4.83 3.12 20.42
CA HIS A 312 -3.48 2.60 20.62
C HIS A 312 -3.46 1.46 21.63
N ASP A 313 -2.70 0.42 21.31
CA ASP A 313 -2.57 -0.75 22.16
C ASP A 313 -1.24 -1.39 21.83
N PRO A 314 -0.22 -1.15 22.66
CA PRO A 314 1.13 -1.66 22.36
C PRO A 314 1.21 -3.17 22.26
N ASP A 315 0.28 -3.91 22.87
CA ASP A 315 0.27 -5.37 22.77
C ASP A 315 -0.28 -5.86 21.46
N ASP A 316 -0.83 -4.98 20.62
CA ASP A 316 -1.48 -5.36 19.38
C ASP A 316 -0.95 -4.51 18.23
N GLU A 317 0.32 -4.12 18.31
CA GLU A 317 1.00 -3.40 17.24
C GLU A 317 2.31 -4.12 16.93
N PRO A 318 2.22 -5.33 16.39
CA PRO A 318 3.42 -6.17 16.29
C PRO A 318 4.35 -5.78 15.16
N VAL A 319 5.58 -6.28 15.28
CA VAL A 319 6.57 -6.19 14.22
C VAL A 319 6.60 -7.51 13.45
N ALA A 320 7.34 -7.51 12.35
CA ALA A 320 7.42 -8.67 11.47
C ALA A 320 8.61 -9.56 11.82
N ASP A 321 8.47 -10.85 11.51
CA ASP A 321 9.61 -11.74 11.55
C ASP A 321 10.64 -11.27 10.51
N PRO A 322 11.92 -11.56 10.74
CA PRO A 322 12.94 -11.14 9.77
C PRO A 322 12.61 -11.65 8.38
N TYR A 323 12.86 -10.81 7.38
CA TYR A 323 12.54 -11.13 6.00
C TYR A 323 13.82 -11.13 5.18
N ASP A 324 14.13 -12.27 4.56
CA ASP A 324 15.36 -12.46 3.79
C ASP A 324 15.14 -11.97 2.36
N GLN A 325 15.70 -10.81 2.03
CA GLN A 325 15.60 -10.22 0.70
C GLN A 325 16.88 -10.38 -0.11
N SER A 326 17.71 -11.36 0.23
CA SER A 326 18.97 -11.52 -0.50
C SER A 326 18.75 -11.76 -1.99
N PHE A 327 17.60 -12.33 -2.36
CA PHE A 327 17.34 -12.58 -3.78
C PHE A 327 17.31 -11.30 -4.61
N GLU A 328 17.06 -10.14 -3.99
CA GLU A 328 16.87 -8.93 -4.76
C GLU A 328 18.14 -8.53 -5.51
N SER A 329 19.31 -8.86 -4.96
CA SER A 329 20.55 -8.45 -5.60
C SER A 329 20.99 -9.42 -6.69
N ARG A 330 20.25 -10.50 -6.92
CA ARG A 330 20.69 -11.57 -7.81
C ARG A 330 20.00 -11.50 -9.17
N ASP A 331 20.78 -11.72 -10.23
CA ASP A 331 20.25 -11.90 -11.57
C ASP A 331 20.25 -13.40 -11.86
N LEU A 332 19.07 -13.97 -12.04
CA LEU A 332 18.91 -15.37 -12.38
C LEU A 332 18.18 -15.48 -13.71
N LEU A 333 18.26 -16.66 -14.33
CA LEU A 333 17.56 -16.92 -15.57
C LEU A 333 16.06 -17.06 -15.31
N ILE A 334 15.27 -16.83 -16.36
CA ILE A 334 13.81 -16.94 -16.23
C ILE A 334 13.42 -18.27 -15.62
N ASP A 335 14.03 -19.36 -16.09
CA ASP A 335 13.62 -20.67 -15.59
C ASP A 335 14.00 -20.88 -14.14
N GLU A 336 15.03 -20.17 -13.66
CA GLU A 336 15.38 -20.23 -12.25
C GLU A 336 14.35 -19.49 -11.40
N TRP A 337 13.95 -18.28 -11.80
CA TRP A 337 12.87 -17.59 -11.08
C TRP A 337 11.59 -18.41 -11.11
N LYS A 338 11.28 -19.02 -12.25
CA LYS A 338 10.07 -19.82 -12.38
C LYS A 338 10.10 -21.00 -11.42
N SER A 339 11.24 -21.70 -11.34
CA SER A 339 11.37 -22.86 -10.46
C SER A 339 11.29 -22.45 -9.00
N LEU A 340 11.97 -21.35 -8.64
CA LEU A 340 11.85 -20.83 -7.27
C LEU A 340 10.40 -20.48 -6.95
N THR A 341 9.69 -19.87 -7.90
CA THR A 341 8.30 -19.52 -7.65
C THR A 341 7.45 -20.76 -7.47
N TYR A 342 7.66 -21.77 -8.33
CA TYR A 342 6.95 -23.04 -8.18
C TYR A 342 7.19 -23.65 -6.81
N ASP A 343 8.44 -23.66 -6.35
CA ASP A 343 8.77 -24.15 -5.02
C ASP A 343 7.93 -23.44 -3.96
N GLU A 344 7.80 -22.11 -4.08
CA GLU A 344 7.04 -21.34 -3.09
C GLU A 344 5.54 -21.60 -3.17
N VAL A 345 5.02 -21.85 -4.37
CA VAL A 345 3.62 -22.28 -4.50
C VAL A 345 3.40 -23.59 -3.76
N ILE A 346 4.28 -24.56 -3.99
CA ILE A 346 4.10 -25.91 -3.46
C ILE A 346 4.29 -25.94 -1.95
N SER A 347 5.17 -25.11 -1.40
CA SER A 347 5.45 -25.17 0.03
C SER A 347 4.51 -24.31 0.85
N PHE A 348 3.60 -23.58 0.20
CA PHE A 348 2.69 -22.70 0.93
C PHE A 348 1.84 -23.48 1.90
N VAL A 349 1.74 -22.98 3.14
CA VAL A 349 0.95 -23.56 4.21
C VAL A 349 -0.18 -22.58 4.51
N PRO A 350 -1.44 -22.92 4.21
CA PRO A 350 -2.53 -21.99 4.51
C PRO A 350 -2.63 -21.75 6.00
N PRO A 351 -2.90 -20.52 6.40
CA PRO A 351 -3.01 -20.20 7.82
C PRO A 351 -4.29 -20.76 8.39
N PRO A 352 -4.36 -20.90 9.71
CA PRO A 352 -5.64 -21.26 10.33
C PRO A 352 -6.68 -20.20 10.01
N LEU A 353 -7.93 -20.64 9.96
CA LEU A 353 -9.02 -19.71 9.69
C LEU A 353 -9.12 -18.68 10.82
N ASP A 354 -8.98 -19.13 12.07
CA ASP A 354 -9.00 -18.26 13.24
C ASP A 354 -7.59 -18.19 13.81
N GLN A 355 -6.94 -17.04 13.65
CA GLN A 355 -5.58 -16.84 14.15
C GLN A 355 -5.50 -15.85 15.30
N GLU A 356 -6.62 -15.48 15.91
CA GLU A 356 -6.61 -14.44 16.92
C GLU A 356 -7.32 -14.91 18.18
N GLU A 357 -6.96 -14.30 19.29
CA GLU A 357 -7.57 -14.61 20.58
C GLU A 357 -7.87 -13.33 21.32
N MET A 358 -8.82 -13.40 22.26
CA MET A 358 -9.19 -12.23 23.05
C MET A 358 -7.98 -11.73 23.85
N GLU A 359 -7.87 -10.41 23.97
CA GLU A 359 -6.73 -9.79 24.65
C GLU A 359 -6.74 -10.07 26.15
C1 OG2 B . -3.75 24.24 -0.84
N1 OG2 B . -5.09 24.06 -1.42
C2 OG2 B . -2.62 23.77 -1.76
N2 OG2 B . -7.03 23.11 -2.21
C3 OG2 B . -1.26 23.97 -1.09
C4 OG2 B . -1.21 23.17 0.20
C5 OG2 B . -2.32 23.64 1.15
C6 OG2 B . -3.68 23.43 0.47
C7 OG2 B . -2.14 25.12 1.46
C8 OG2 B . -2.18 25.93 0.16
C9 OG2 B . -3.54 25.73 -0.51
C10 OG2 B . -1.07 25.46 -0.77
N OG2 B . -5.20 21.81 -1.74
C OG2 B . -5.78 22.96 -1.76
C11 OG2 B . -7.94 22.00 -2.53
C12 OG2 B . -7.51 21.16 -3.72
CA1 SB4 C . -8.65 -4.45 -6.54
CA2 SB4 C . -9.28 -3.09 -6.77
NA3 SB4 C . -8.65 -2.06 -5.94
CA4 SB4 C . -8.74 -2.39 -4.51
CA5 SB4 C . -8.06 -3.71 -4.19
CA6 SB4 C . -7.56 -4.33 -5.49
CB1 SB4 C . -6.02 -9.82 -4.40
CB2 SB4 C . -5.58 -11.06 -3.98
CB3 SB4 C . -4.28 -11.18 -3.54
CB4 SB4 C . -3.41 -10.12 -3.51
CB5 SB4 C . -3.85 -8.89 -3.94
CB6 SB4 C . -5.16 -8.72 -4.39
FB7 SB4 C . -3.87 -12.40 -3.11
CC1 SB4 C . -7.67 -7.63 -2.42
CC2 SB4 C . -7.89 -7.03 -3.67
NC3 SB4 C . -9.13 -6.73 -4.07
CC4 SB4 C . -10.16 -7.00 -3.22
NC5 SB4 C . -10.01 -7.58 -2.00
CC6 SB4 C . -8.77 -7.87 -1.62
NC7 SB4 C . -11.39 -6.69 -3.63
ND1 SB4 C . -6.72 -5.52 -5.33
CD2 SB4 C . -5.54 -5.57 -6.00
ND3 SB4 C . -4.88 -6.67 -5.75
CD4 SB4 C . -5.65 -7.40 -4.87
CD5 SB4 C . -6.79 -6.69 -4.58
CA CA D . -10.47 -16.29 17.78
CA CA E . -6.88 -3.86 21.94
CA CA F . -3.33 -6.36 26.60
CA CA G . -12.45 -10.17 12.56
CL CL H . 11.70 -15.22 5.29
S SO4 I . -6.98 21.85 1.79
O1 SO4 I . -6.96 23.21 1.25
O2 SO4 I . -8.37 21.42 1.96
O3 SO4 I . -6.31 20.93 0.87
O4 SO4 I . -6.30 21.83 3.08
#